data_6TMD
#
_entry.id   6TMD
#
_cell.length_a   95.778
_cell.length_b   45.659
_cell.length_c   51.073
_cell.angle_alpha   90.000
_cell.angle_beta   100.380
_cell.angle_gamma   90.000
#
_symmetry.space_group_name_H-M   'C 1 2 1'
#
loop_
_entity.id
_entity.type
_entity.pdbx_description
1 polymer 'KN motif and ankyrin repeat domain-containing protein 2'
2 non-polymer GLYCEROL
3 non-polymer 'ACETATE ION'
4 water water
#
_entity_poly.entity_id   1
_entity_poly.type   'polypeptide(L)'
_entity_poly.pdbx_seq_one_letter_code
;GIDPFTEEEIRMELSPDLISACLALEKYLDNPNALTERELKVAYTTVLQEWLRLACRSDAHPELVRRHLVTFRAMSARLL
DYVVNIADSNGNTVLHYSVSHANFPVVQQLLDSGVCKVDKQNRAGYSPIMLTALATLKTQDDIETVLQLFRLGNINAKAS
QAGQTALMLAVSHGRVDVVKALLACEADVNVQDDDGSTALMCACEHGHKEIAGLLLAVPSCDISLTDRDGSTALMVALDA
GQSEIASMLYSRMNIK
;
_entity_poly.pdbx_strand_id   A
#
loop_
_chem_comp.id
_chem_comp.type
_chem_comp.name
_chem_comp.formula
ACT non-polymer 'ACETATE ION' 'C2 H3 O2 -1'
GOL non-polymer GLYCEROL 'C3 H8 O3'
#
# COMPACT_ATOMS: atom_id res chain seq x y z
N LEU A 14 -5.24 -16.11 -24.01
CA LEU A 14 -6.14 -15.81 -22.84
C LEU A 14 -7.42 -16.64 -22.95
N SER A 15 -8.10 -16.84 -21.82
CA SER A 15 -9.41 -17.52 -21.73
C SER A 15 -10.40 -16.86 -22.70
N PRO A 16 -11.06 -17.60 -23.61
CA PRO A 16 -12.12 -17.04 -24.46
C PRO A 16 -13.28 -16.44 -23.65
N ASP A 17 -13.67 -17.07 -22.54
CA ASP A 17 -14.67 -16.55 -21.57
C ASP A 17 -14.19 -15.19 -21.01
N LEU A 18 -12.92 -15.07 -20.63
CA LEU A 18 -12.41 -13.77 -20.12
C LEU A 18 -12.53 -12.68 -21.19
N ILE A 19 -12.14 -12.97 -22.43
CA ILE A 19 -12.25 -11.92 -23.49
C ILE A 19 -13.73 -11.55 -23.67
N SER A 20 -14.61 -12.53 -23.69
CA SER A 20 -16.07 -12.28 -23.90
C SER A 20 -16.59 -11.41 -22.74
N ALA A 21 -16.16 -11.73 -21.50
CA ALA A 21 -16.54 -10.92 -20.30
C ALA A 21 -16.06 -9.49 -20.48
N CYS A 22 -14.82 -9.30 -20.96
CA CYS A 22 -14.24 -7.95 -21.19
C CYS A 22 -15.04 -7.20 -22.26
N LEU A 23 -15.43 -7.87 -23.34
CA LEU A 23 -16.33 -7.22 -24.34
C LEU A 23 -17.67 -6.80 -23.71
N ALA A 24 -18.25 -7.63 -22.86
CA ALA A 24 -19.52 -7.29 -22.16
C ALA A 24 -19.30 -6.07 -21.28
N LEU A 25 -18.23 -6.04 -20.48
CA LEU A 25 -17.94 -4.87 -19.58
C LEU A 25 -17.65 -3.62 -20.42
N GLU A 26 -16.98 -3.75 -21.57
CA GLU A 26 -16.68 -2.59 -22.48
C GLU A 26 -18.03 -1.96 -22.87
N LYS A 27 -19.03 -2.75 -23.28
CA LYS A 27 -20.38 -2.22 -23.65
C LYS A 27 -21.04 -1.54 -22.45
N TYR A 28 -20.95 -2.18 -21.29
CA TYR A 28 -21.57 -1.70 -20.03
C TYR A 28 -20.99 -0.34 -19.63
N LEU A 29 -19.67 -0.18 -19.78
CA LEU A 29 -18.95 1.03 -19.32
C LEU A 29 -19.30 2.24 -20.22
N ASP A 30 -19.70 1.96 -21.47
N ASP A 30 -19.74 2.00 -21.46
CA ASP A 30 -20.25 2.98 -22.40
CA ASP A 30 -20.22 3.12 -22.31
C ASP A 30 -21.70 3.27 -22.01
C ASP A 30 -21.73 3.26 -22.15
N ASN A 31 -22.45 2.23 -21.66
CA ASN A 31 -23.92 2.29 -21.51
C ASN A 31 -24.42 1.26 -20.51
N PRO A 32 -24.82 1.64 -19.27
CA PRO A 32 -25.23 0.64 -18.26
C PRO A 32 -26.55 -0.10 -18.57
N ASN A 33 -27.33 0.37 -19.56
CA ASN A 33 -28.55 -0.31 -20.08
C ASN A 33 -28.19 -1.29 -21.20
N ALA A 34 -26.91 -1.50 -21.52
CA ALA A 34 -26.50 -2.40 -22.62
C ALA A 34 -26.42 -3.86 -22.14
N LEU A 35 -26.33 -4.08 -20.82
CA LEU A 35 -26.27 -5.41 -20.19
C LEU A 35 -27.44 -5.52 -19.23
N THR A 36 -27.98 -6.71 -19.04
CA THR A 36 -28.86 -7.00 -17.89
C THR A 36 -27.98 -7.09 -16.63
N GLU A 37 -28.59 -6.92 -15.47
CA GLU A 37 -27.86 -7.05 -14.19
C GLU A 37 -27.22 -8.43 -14.06
N ARG A 38 -27.89 -9.50 -14.52
CA ARG A 38 -27.29 -10.87 -14.48
C ARG A 38 -26.06 -10.95 -15.41
N GLU A 39 -26.14 -10.41 -16.62
CA GLU A 39 -25.00 -10.38 -17.58
C GLU A 39 -23.82 -9.62 -16.94
N LEU A 40 -24.09 -8.48 -16.29
CA LEU A 40 -23.04 -7.70 -15.58
C LEU A 40 -22.42 -8.59 -14.51
N LYS A 41 -23.22 -9.30 -13.72
CA LYS A 41 -22.71 -10.13 -12.59
C LYS A 41 -21.82 -11.23 -13.17
N VAL A 42 -22.31 -11.90 -14.21
CA VAL A 42 -21.52 -12.97 -14.88
C VAL A 42 -20.19 -12.39 -15.38
N ALA A 43 -20.17 -11.23 -16.05
CA ALA A 43 -18.94 -10.68 -16.65
C ALA A 43 -17.97 -10.31 -15.53
N TYR A 44 -18.49 -9.67 -14.47
CA TYR A 44 -17.66 -9.20 -13.34
C TYR A 44 -17.02 -10.42 -12.69
N THR A 45 -17.82 -11.48 -12.46
CA THR A 45 -17.40 -12.73 -11.80
C THR A 45 -16.34 -13.43 -12.67
N THR A 46 -16.53 -13.45 -13.99
CA THR A 46 -15.56 -14.05 -14.93
C THR A 46 -14.22 -13.31 -14.83
N VAL A 47 -14.25 -11.98 -14.80
CA VAL A 47 -12.99 -11.19 -14.66
C VAL A 47 -12.35 -11.48 -13.29
N LEU A 48 -13.13 -11.59 -12.22
CA LEU A 48 -12.52 -11.91 -10.90
C LEU A 48 -11.84 -13.29 -10.94
N GLN A 49 -12.48 -14.26 -11.55
CA GLN A 49 -11.96 -15.65 -11.59
C GLN A 49 -10.78 -15.79 -12.56
N GLU A 50 -10.87 -15.23 -13.75
CA GLU A 50 -9.83 -15.49 -14.78
C GLU A 50 -8.67 -14.48 -14.75
N TRP A 51 -8.89 -13.31 -14.17
CA TRP A 51 -7.88 -12.23 -14.14
C TRP A 51 -7.45 -11.98 -12.69
N LEU A 52 -8.39 -11.59 -11.83
CA LEU A 52 -7.92 -11.21 -10.48
C LEU A 52 -7.32 -12.40 -9.74
N ARG A 53 -7.97 -13.56 -9.79
CA ARG A 53 -7.44 -14.73 -9.02
C ARG A 53 -6.14 -15.25 -9.65
N LEU A 54 -5.98 -15.08 -10.94
CA LEU A 54 -4.74 -15.47 -11.66
C LEU A 54 -3.61 -14.54 -11.20
N ALA A 55 -3.81 -13.23 -11.35
CA ALA A 55 -2.75 -12.21 -11.18
C ALA A 55 -2.38 -12.04 -9.69
N CYS A 56 -3.28 -12.41 -8.77
N CYS A 56 -3.27 -12.43 -8.77
CA CYS A 56 -3.15 -12.13 -7.32
CA CYS A 56 -3.17 -12.16 -7.31
C CYS A 56 -2.41 -13.24 -6.58
C CYS A 56 -2.38 -13.25 -6.58
N ARG A 57 -2.11 -14.37 -7.24
CA ARG A 57 -1.30 -15.51 -6.69
C ARG A 57 0.08 -15.03 -6.20
N SER A 58 0.58 -15.60 -5.11
CA SER A 58 1.81 -15.15 -4.41
C SER A 58 2.98 -15.14 -5.40
N ASP A 59 3.03 -16.12 -6.32
CA ASP A 59 4.10 -16.18 -7.35
C ASP A 59 3.50 -16.10 -8.75
N ALA A 60 2.44 -15.31 -8.92
CA ALA A 60 1.93 -14.96 -10.27
C ALA A 60 3.07 -14.47 -11.15
N HIS A 61 3.11 -14.94 -12.40
CA HIS A 61 4.22 -14.61 -13.34
C HIS A 61 4.00 -13.23 -13.93
N PRO A 62 4.97 -12.30 -13.80
CA PRO A 62 4.80 -10.96 -14.35
C PRO A 62 4.55 -10.92 -15.87
N GLU A 63 5.12 -11.86 -16.64
CA GLU A 63 4.92 -11.88 -18.12
C GLU A 63 3.48 -12.29 -18.43
N LEU A 64 2.92 -13.25 -17.70
CA LEU A 64 1.49 -13.63 -17.89
C LEU A 64 0.63 -12.41 -17.55
N VAL A 65 0.97 -11.65 -16.52
CA VAL A 65 0.19 -10.43 -16.18
C VAL A 65 0.34 -9.42 -17.32
N ARG A 66 1.55 -9.23 -17.81
CA ARG A 66 1.80 -8.25 -18.90
C ARG A 66 0.99 -8.61 -20.16
N ARG A 67 0.94 -9.90 -20.49
CA ARG A 67 0.19 -10.36 -21.68
C ARG A 67 -1.28 -9.99 -21.55
N HIS A 68 -1.84 -10.18 -20.36
CA HIS A 68 -3.24 -9.78 -20.06
C HIS A 68 -3.40 -8.28 -20.28
N LEU A 69 -2.50 -7.47 -19.74
CA LEU A 69 -2.61 -5.99 -19.79
C LEU A 69 -2.55 -5.55 -21.25
N VAL A 70 -1.74 -6.20 -22.08
CA VAL A 70 -1.64 -5.85 -23.53
C VAL A 70 -3.02 -6.07 -24.18
N THR A 71 -3.65 -7.21 -23.91
CA THR A 71 -4.98 -7.53 -24.47
C THR A 71 -6.02 -6.50 -23.97
N PHE A 72 -6.06 -6.20 -22.68
CA PHE A 72 -7.02 -5.20 -22.12
C PHE A 72 -6.82 -3.83 -22.79
N ARG A 73 -5.57 -3.44 -22.94
CA ARG A 73 -5.23 -2.13 -23.56
C ARG A 73 -5.72 -2.08 -25.01
N ALA A 74 -5.82 -3.23 -25.68
CA ALA A 74 -6.34 -3.29 -27.06
C ALA A 74 -7.85 -3.00 -27.12
N MET A 75 -8.57 -3.14 -26.00
CA MET A 75 -9.99 -2.76 -25.86
C MET A 75 -10.07 -1.30 -25.37
N SER A 76 -11.21 -0.79 -24.93
CA SER A 76 -11.26 0.64 -24.52
C SER A 76 -10.36 0.99 -23.33
N ALA A 77 -9.93 2.26 -23.25
CA ALA A 77 -9.12 2.75 -22.12
C ALA A 77 -9.93 2.53 -20.84
N ARG A 78 -11.23 2.69 -20.94
CA ARG A 78 -12.20 2.49 -19.84
C ARG A 78 -12.12 1.04 -19.40
N LEU A 79 -12.00 0.11 -20.35
CA LEU A 79 -11.93 -1.34 -20.04
C LEU A 79 -10.64 -1.63 -19.28
N LEU A 80 -9.49 -1.14 -19.76
CA LEU A 80 -8.17 -1.32 -19.10
C LEU A 80 -8.26 -0.79 -17.65
N ASP A 81 -8.78 0.41 -17.47
CA ASP A 81 -8.90 1.02 -16.12
C ASP A 81 -9.77 0.13 -15.25
N TYR A 82 -10.94 -0.27 -15.75
CA TYR A 82 -11.92 -1.06 -14.97
C TYR A 82 -11.29 -2.38 -14.56
N VAL A 83 -10.61 -3.06 -15.48
CA VAL A 83 -10.09 -4.44 -15.19
C VAL A 83 -8.86 -4.34 -14.28
N VAL A 84 -7.93 -3.42 -14.55
CA VAL A 84 -6.72 -3.32 -13.66
C VAL A 84 -7.18 -3.02 -12.22
N ASN A 85 -8.20 -2.19 -12.04
CA ASN A 85 -8.65 -1.67 -10.72
C ASN A 85 -9.84 -2.47 -10.18
N ILE A 86 -10.19 -3.59 -10.80
CA ILE A 86 -11.37 -4.39 -10.37
C ILE A 86 -11.14 -4.87 -8.95
N ALA A 87 -12.16 -4.76 -8.13
CA ALA A 87 -12.07 -5.18 -6.71
C ALA A 87 -12.98 -6.36 -6.44
N ASP A 88 -12.52 -7.24 -5.56
CA ASP A 88 -13.31 -8.41 -5.11
C ASP A 88 -14.26 -7.99 -3.98
N SER A 89 -14.96 -8.94 -3.40
CA SER A 89 -15.95 -8.64 -2.34
C SER A 89 -15.27 -8.02 -1.11
N ASN A 90 -13.95 -8.14 -1.00
CA ASN A 90 -13.15 -7.54 0.11
C ASN A 90 -12.64 -6.15 -0.27
N GLY A 91 -12.96 -5.67 -1.47
CA GLY A 91 -12.47 -4.37 -1.96
C GLY A 91 -11.00 -4.47 -2.37
N ASN A 92 -10.43 -5.67 -2.46
CA ASN A 92 -9.03 -5.92 -2.83
C ASN A 92 -8.90 -5.97 -4.35
N THR A 93 -7.99 -5.17 -4.89
CA THR A 93 -7.52 -5.24 -6.30
C THR A 93 -6.29 -6.14 -6.42
N VAL A 94 -5.90 -6.44 -7.66
N VAL A 94 -5.87 -6.41 -7.67
CA VAL A 94 -4.63 -7.20 -7.89
CA VAL A 94 -4.63 -7.19 -7.95
C VAL A 94 -3.52 -6.45 -7.15
C VAL A 94 -3.44 -6.45 -7.34
N LEU A 95 -3.48 -5.12 -7.25
CA LEU A 95 -2.38 -4.34 -6.59
C LEU A 95 -2.36 -4.64 -5.08
N HIS A 96 -3.53 -4.71 -4.42
CA HIS A 96 -3.61 -5.01 -2.97
C HIS A 96 -2.96 -6.35 -2.69
N TYR A 97 -3.33 -7.37 -3.46
CA TYR A 97 -2.80 -8.73 -3.25
C TYR A 97 -1.32 -8.79 -3.63
N SER A 98 -0.95 -8.15 -4.74
CA SER A 98 0.46 -8.22 -5.24
C SER A 98 1.40 -7.64 -4.16
N VAL A 99 1.05 -6.48 -3.64
CA VAL A 99 1.85 -5.77 -2.61
C VAL A 99 1.89 -6.65 -1.34
N SER A 100 0.74 -7.20 -0.91
CA SER A 100 0.59 -8.07 0.30
C SER A 100 1.51 -9.28 0.25
N HIS A 101 1.65 -9.88 -0.95
CA HIS A 101 2.49 -11.07 -1.19
C HIS A 101 3.93 -10.67 -1.54
N ALA A 102 4.21 -9.37 -1.61
CA ALA A 102 5.52 -8.84 -2.00
C ALA A 102 5.89 -9.39 -3.38
N ASN A 103 4.91 -9.49 -4.29
CA ASN A 103 5.19 -9.85 -5.71
C ASN A 103 5.46 -8.55 -6.46
N PHE A 104 6.64 -7.98 -6.28
CA PHE A 104 6.94 -6.64 -6.81
C PHE A 104 7.08 -6.70 -8.33
N PRO A 105 7.52 -7.79 -9.00
CA PRO A 105 7.51 -7.79 -10.45
C PRO A 105 6.09 -7.63 -11.03
N VAL A 106 5.09 -8.21 -10.39
CA VAL A 106 3.67 -8.02 -10.81
C VAL A 106 3.23 -6.58 -10.51
N VAL A 107 3.58 -6.06 -9.33
CA VAL A 107 3.29 -4.65 -8.99
C VAL A 107 3.87 -3.77 -10.09
N GLN A 108 5.12 -4.03 -10.52
CA GLN A 108 5.76 -3.18 -11.55
C GLN A 108 4.97 -3.24 -12.87
N GLN A 109 4.48 -4.42 -13.27
CA GLN A 109 3.71 -4.57 -14.55
C GLN A 109 2.41 -3.75 -14.46
N LEU A 110 1.76 -3.77 -13.30
CA LEU A 110 0.52 -3.00 -13.03
C LEU A 110 0.85 -1.50 -13.10
N LEU A 111 1.91 -1.05 -12.45
CA LEU A 111 2.23 0.40 -12.50
C LEU A 111 2.50 0.82 -13.94
N ASP A 112 3.20 -0.02 -14.72
CA ASP A 112 3.59 0.24 -16.13
C ASP A 112 2.33 0.36 -17.01
N SER A 113 1.16 -0.10 -16.56
CA SER A 113 -0.13 0.02 -17.32
C SER A 113 -0.52 1.49 -17.44
N GLY A 114 -0.12 2.32 -16.46
CA GLY A 114 -0.45 3.76 -16.46
C GLY A 114 -1.85 4.04 -15.95
N VAL A 115 -2.60 3.04 -15.47
CA VAL A 115 -4.03 3.24 -15.05
C VAL A 115 -4.24 2.86 -13.59
N CYS A 116 -3.18 2.47 -12.89
N CYS A 116 -3.15 2.55 -12.93
CA CYS A 116 -3.29 1.97 -11.48
CA CYS A 116 -3.26 2.06 -11.52
C CYS A 116 -3.69 3.06 -10.49
C CYS A 116 -3.66 3.15 -10.52
N LYS A 117 -4.71 2.76 -9.67
CA LYS A 117 -5.18 3.62 -8.55
C LYS A 117 -4.51 3.13 -7.27
N VAL A 118 -3.35 3.69 -6.95
CA VAL A 118 -2.47 3.18 -5.86
C VAL A 118 -3.04 3.59 -4.49
N ASP A 119 -3.96 4.55 -4.44
CA ASP A 119 -4.54 5.04 -3.15
C ASP A 119 -5.89 4.41 -2.84
N LYS A 120 -6.40 3.56 -3.71
CA LYS A 120 -7.74 2.92 -3.53
C LYS A 120 -7.74 2.02 -2.28
N GLN A 121 -8.63 2.30 -1.34
CA GLN A 121 -8.70 1.52 -0.08
C GLN A 121 -9.60 0.30 -0.26
N ASN A 122 -9.23 -0.82 0.36
CA ASN A 122 -10.07 -2.03 0.44
C ASN A 122 -11.13 -1.77 1.54
N ARG A 123 -12.02 -2.72 1.78
CA ARG A 123 -13.14 -2.51 2.73
C ARG A 123 -12.57 -2.46 4.16
N ALA A 124 -11.40 -3.07 4.42
CA ALA A 124 -10.68 -2.95 5.72
C ALA A 124 -10.03 -1.56 5.88
N GLY A 125 -10.12 -0.67 4.87
CA GLY A 125 -9.61 0.71 4.88
C GLY A 125 -8.12 0.88 4.55
N TYR A 126 -7.50 -0.02 3.79
CA TYR A 126 -6.05 0.07 3.44
C TYR A 126 -5.87 0.20 1.93
N SER A 127 -5.03 1.16 1.53
CA SER A 127 -4.54 1.30 0.14
C SER A 127 -3.40 0.32 -0.06
N PRO A 128 -3.03 0.03 -1.32
CA PRO A 128 -1.81 -0.77 -1.57
C PRO A 128 -0.55 -0.14 -0.97
N ILE A 129 -0.45 1.18 -0.98
CA ILE A 129 0.68 1.89 -0.33
C ILE A 129 0.75 1.50 1.14
N MET A 130 -0.38 1.50 1.84
CA MET A 130 -0.39 1.09 3.26
C MET A 130 -0.03 -0.39 3.40
N LEU A 131 -0.44 -1.27 2.48
CA LEU A 131 -0.18 -2.71 2.68
C LEU A 131 1.30 -3.03 2.42
N THR A 132 2.02 -2.16 1.72
N THR A 132 1.99 -2.17 1.68
CA THR A 132 3.47 -2.31 1.49
CA THR A 132 3.45 -2.20 1.49
C THR A 132 4.16 -2.32 2.86
C THR A 132 4.13 -2.33 2.86
N ALA A 133 3.52 -1.70 3.87
CA ALA A 133 4.06 -1.60 5.22
C ALA A 133 4.25 -2.97 5.83
N LEU A 134 3.55 -3.98 5.34
CA LEU A 134 3.64 -5.37 5.86
C LEU A 134 4.71 -6.16 5.10
N ALA A 135 5.22 -5.63 3.98
CA ALA A 135 6.12 -6.37 3.08
C ALA A 135 7.56 -6.28 3.58
N THR A 136 8.31 -7.34 3.30
CA THR A 136 9.77 -7.39 3.52
C THR A 136 10.45 -7.29 2.14
N LEU A 137 11.11 -6.16 1.86
CA LEU A 137 11.79 -5.96 0.55
C LEU A 137 13.03 -6.85 0.53
N LYS A 138 13.35 -7.45 -0.61
CA LYS A 138 14.41 -8.50 -0.66
C LYS A 138 15.57 -8.07 -1.59
N THR A 139 15.34 -7.19 -2.58
CA THR A 139 16.35 -6.84 -3.60
C THR A 139 16.21 -5.39 -3.93
N GLN A 140 17.19 -4.86 -4.67
CA GLN A 140 17.12 -3.48 -5.17
C GLN A 140 15.90 -3.34 -6.09
N ASP A 141 15.61 -4.33 -6.91
CA ASP A 141 14.41 -4.32 -7.79
C ASP A 141 13.17 -4.01 -6.92
N ASP A 142 12.99 -4.70 -5.80
CA ASP A 142 11.85 -4.47 -4.87
C ASP A 142 11.85 -3.01 -4.41
N ILE A 143 13.02 -2.50 -4.00
CA ILE A 143 13.10 -1.09 -3.50
C ILE A 143 12.66 -0.14 -4.61
N GLU A 144 13.13 -0.36 -5.85
CA GLU A 144 12.90 0.61 -6.94
C GLU A 144 11.39 0.59 -7.26
N THR A 145 10.75 -0.55 -7.24
CA THR A 145 9.29 -0.68 -7.54
C THR A 145 8.50 0.00 -6.41
N VAL A 146 8.86 -0.26 -5.15
CA VAL A 146 8.19 0.40 -3.98
C VAL A 146 8.33 1.91 -4.05
N LEU A 147 9.52 2.41 -4.38
CA LEU A 147 9.73 3.88 -4.50
C LEU A 147 8.79 4.41 -5.58
N GLN A 148 8.62 3.70 -6.69
CA GLN A 148 7.73 4.20 -7.77
C GLN A 148 6.30 4.27 -7.22
N LEU A 149 5.85 3.22 -6.53
CA LEU A 149 4.50 3.16 -5.95
C LEU A 149 4.33 4.35 -5.01
N PHE A 150 5.33 4.64 -4.17
CA PHE A 150 5.25 5.76 -3.20
C PHE A 150 5.25 7.12 -3.91
N ARG A 151 6.04 7.29 -4.96
CA ARG A 151 6.09 8.58 -5.69
C ARG A 151 4.72 8.85 -6.32
N LEU A 152 3.96 7.83 -6.67
CA LEU A 152 2.66 8.00 -7.38
C LEU A 152 1.53 8.28 -6.39
N GLY A 153 1.62 7.81 -5.14
CA GLY A 153 0.45 7.80 -4.26
C GLY A 153 0.46 8.92 -3.22
N ASN A 154 -0.52 8.91 -2.34
CA ASN A 154 -0.51 9.85 -1.18
C ASN A 154 0.03 9.10 0.03
N ILE A 155 1.33 9.19 0.29
CA ILE A 155 2.00 8.32 1.31
C ILE A 155 1.61 8.82 2.73
N ASN A 156 0.94 9.97 2.82
CA ASN A 156 0.45 10.53 4.11
C ASN A 156 -1.02 10.20 4.39
N ALA A 157 -1.70 9.47 3.51
CA ALA A 157 -3.10 9.06 3.73
C ALA A 157 -3.24 8.23 5.01
N LYS A 158 -4.36 8.40 5.72
CA LYS A 158 -4.61 7.60 6.92
C LYS A 158 -5.53 6.44 6.55
N ALA A 159 -5.27 5.24 7.09
CA ALA A 159 -6.14 4.07 7.04
C ALA A 159 -7.44 4.35 7.81
N SER A 160 -8.55 3.79 7.34
CA SER A 160 -9.83 4.00 8.03
C SER A 160 -9.76 3.33 9.39
N GLN A 161 -8.95 2.29 9.49
CA GLN A 161 -8.73 1.59 10.77
C GLN A 161 -7.63 2.34 11.55
N ALA A 162 -8.04 3.06 12.58
CA ALA A 162 -7.19 3.77 13.56
C ALA A 162 -6.46 5.02 13.05
N GLY A 163 -6.67 5.44 11.82
CA GLY A 163 -6.07 6.68 11.28
C GLY A 163 -4.55 6.55 11.15
N GLN A 164 -4.06 5.34 10.91
CA GLN A 164 -2.60 5.05 10.78
C GLN A 164 -2.15 5.33 9.35
N THR A 165 -0.95 5.89 9.21
CA THR A 165 -0.26 6.09 7.92
C THR A 165 0.54 4.82 7.60
N ALA A 166 0.94 4.70 6.34
CA ALA A 166 1.87 3.63 5.88
C ALA A 166 3.11 3.59 6.80
N LEU A 167 3.64 4.75 7.12
CA LEU A 167 4.86 4.89 7.95
C LEU A 167 4.61 4.32 9.34
N MET A 168 3.49 4.66 10.00
CA MET A 168 3.18 4.05 11.31
C MET A 168 3.05 2.53 11.16
N LEU A 169 2.42 2.05 10.10
CA LEU A 169 2.21 0.60 9.93
C LEU A 169 3.56 -0.08 9.74
N ALA A 170 4.43 0.51 8.93
CA ALA A 170 5.77 -0.06 8.65
C ALA A 170 6.57 -0.09 9.96
N VAL A 171 6.50 0.98 10.74
CA VAL A 171 7.21 1.03 12.06
C VAL A 171 6.64 -0.08 12.94
N SER A 172 5.33 -0.22 13.06
CA SER A 172 4.72 -1.22 13.98
C SER A 172 5.09 -2.63 13.52
N HIS A 173 5.32 -2.86 12.23
CA HIS A 173 5.67 -4.21 11.70
C HIS A 173 7.19 -4.40 11.63
N GLY A 174 7.96 -3.38 12.03
CA GLY A 174 9.43 -3.38 12.01
C GLY A 174 9.99 -3.54 10.61
N ARG A 175 9.31 -3.05 9.57
CA ARG A 175 9.78 -3.18 8.15
C ARG A 175 10.72 -2.01 7.84
N VAL A 176 11.98 -2.13 8.26
CA VAL A 176 12.99 -1.05 8.15
C VAL A 176 13.13 -0.61 6.69
N ASP A 177 13.15 -1.53 5.72
CA ASP A 177 13.35 -1.15 4.30
C ASP A 177 12.19 -0.31 3.81
N VAL A 178 10.96 -0.60 4.22
CA VAL A 178 9.79 0.23 3.81
C VAL A 178 9.85 1.58 4.55
N VAL A 179 10.22 1.60 5.82
CA VAL A 179 10.46 2.87 6.53
C VAL A 179 11.48 3.71 5.74
N LYS A 180 12.60 3.12 5.32
CA LYS A 180 13.63 3.89 4.55
C LYS A 180 13.03 4.45 3.25
N ALA A 181 12.26 3.64 2.53
CA ALA A 181 11.65 4.04 1.24
C ALA A 181 10.67 5.19 1.49
N LEU A 182 9.83 5.07 2.51
CA LEU A 182 8.84 6.12 2.83
C LEU A 182 9.60 7.41 3.17
N LEU A 183 10.63 7.35 4.00
CA LEU A 183 11.40 8.56 4.40
C LEU A 183 12.14 9.12 3.17
N ALA A 184 12.67 8.28 2.27
CA ALA A 184 13.27 8.78 1.01
C ALA A 184 12.24 9.56 0.19
N CYS A 185 10.93 9.25 0.31
CA CYS A 185 9.85 9.96 -0.41
C CYS A 185 9.26 11.10 0.42
N GLU A 186 9.87 11.44 1.55
CA GLU A 186 9.50 12.58 2.43
C GLU A 186 8.11 12.35 3.04
N ALA A 187 7.81 11.11 3.45
CA ALA A 187 6.66 10.81 4.33
C ALA A 187 6.67 11.78 5.52
N ASP A 188 5.51 12.32 5.85
CA ASP A 188 5.37 13.20 7.04
C ASP A 188 5.46 12.31 8.30
N VAL A 189 6.48 12.57 9.10
CA VAL A 189 6.78 11.77 10.32
C VAL A 189 5.91 12.26 11.49
N ASN A 190 5.24 13.41 11.37
CA ASN A 190 4.55 14.06 12.51
C ASN A 190 3.05 13.76 12.50
N VAL A 191 2.56 12.94 11.57
CA VAL A 191 1.12 12.57 11.56
C VAL A 191 0.79 11.82 12.83
N GLN A 192 -0.37 12.10 13.43
CA GLN A 192 -0.88 11.36 14.61
C GLN A 192 -2.08 10.51 14.20
N ASP A 193 -2.14 9.31 14.72
CA ASP A 193 -3.26 8.37 14.47
C ASP A 193 -4.43 8.74 15.38
N ASP A 194 -5.46 7.92 15.39
CA ASP A 194 -6.68 8.19 16.20
C ASP A 194 -6.33 8.30 17.70
N ASP A 195 -5.28 7.62 18.18
CA ASP A 195 -4.86 7.66 19.61
C ASP A 195 -3.81 8.75 19.85
N GLY A 196 -3.57 9.62 18.87
CA GLY A 196 -2.54 10.68 18.94
C GLY A 196 -1.11 10.14 18.89
N SER A 197 -0.94 8.86 18.50
CA SER A 197 0.39 8.19 18.42
CA SER A 197 0.39 8.22 18.44
C SER A 197 1.09 8.60 17.13
N THR A 198 2.39 8.83 17.21
CA THR A 198 3.26 9.09 16.03
C THR A 198 4.07 7.83 15.71
N ALA A 199 4.65 7.81 14.52
CA ALA A 199 5.57 6.74 14.09
C ALA A 199 6.72 6.64 15.13
N LEU A 200 7.23 7.75 15.63
CA LEU A 200 8.34 7.74 16.62
C LEU A 200 7.86 7.06 17.91
N MET A 201 6.66 7.39 18.40
CA MET A 201 6.19 6.73 19.64
C MET A 201 6.10 5.21 19.42
N CYS A 202 5.65 4.77 18.27
N CYS A 202 5.65 4.78 18.24
CA CYS A 202 5.53 3.32 17.94
CA CYS A 202 5.51 3.35 17.84
C CYS A 202 6.94 2.69 17.95
C CYS A 202 6.88 2.67 17.85
N ALA A 203 7.93 3.35 17.36
CA ALA A 203 9.32 2.86 17.36
C ALA A 203 9.84 2.70 18.80
N CYS A 204 9.47 3.63 19.68
CA CYS A 204 9.91 3.67 21.08
C CYS A 204 9.27 2.50 21.84
N GLU A 205 7.97 2.29 21.66
CA GLU A 205 7.20 1.26 22.39
C GLU A 205 7.71 -0.12 21.99
N HIS A 206 7.97 -0.32 20.69
CA HIS A 206 8.39 -1.62 20.10
C HIS A 206 9.90 -1.84 20.31
N GLY A 207 10.66 -0.80 20.66
CA GLY A 207 12.13 -0.92 20.81
C GLY A 207 12.83 -1.10 19.46
N HIS A 208 12.28 -0.54 18.38
CA HIS A 208 12.90 -0.59 17.03
C HIS A 208 13.98 0.51 16.97
N LYS A 209 15.20 0.22 17.43
CA LYS A 209 16.26 1.27 17.63
C LYS A 209 16.66 1.89 16.28
N GLU A 210 16.91 1.04 15.27
N GLU A 210 16.93 1.07 15.25
CA GLU A 210 17.32 1.46 13.91
CA GLU A 210 17.37 1.59 13.91
C GLU A 210 16.24 2.38 13.31
C GLU A 210 16.23 2.44 13.34
N ILE A 211 14.97 1.98 13.43
CA ILE A 211 13.82 2.78 12.92
C ILE A 211 13.72 4.11 13.68
N ALA A 212 13.82 4.09 15.00
CA ALA A 212 13.84 5.34 15.80
C ALA A 212 14.93 6.30 15.28
N GLY A 213 16.13 5.77 15.01
CA GLY A 213 17.25 6.58 14.50
C GLY A 213 16.93 7.16 13.15
N LEU A 214 16.25 6.41 12.28
CA LEU A 214 15.85 6.92 10.95
C LEU A 214 14.85 8.07 11.10
N LEU A 215 13.86 7.89 11.98
CA LEU A 215 12.82 8.92 12.24
C LEU A 215 13.46 10.17 12.85
N LEU A 216 14.35 10.01 13.81
CA LEU A 216 15.00 11.17 14.48
C LEU A 216 15.96 11.85 13.49
N ALA A 217 16.40 11.17 12.43
CA ALA A 217 17.25 11.77 11.37
C ALA A 217 16.44 12.71 10.48
N VAL A 218 15.10 12.72 10.62
CA VAL A 218 14.22 13.57 9.77
C VAL A 218 14.20 14.94 10.44
N PRO A 219 14.61 16.01 9.72
CA PRO A 219 14.82 17.32 10.34
C PRO A 219 13.60 17.89 11.09
N SER A 220 12.39 17.73 10.55
CA SER A 220 11.15 18.31 11.11
C SER A 220 10.51 17.34 12.13
N CYS A 221 11.20 16.25 12.46
CA CYS A 221 10.68 15.32 13.49
C CYS A 221 10.37 16.11 14.78
N ASP A 222 9.11 16.09 15.20
CA ASP A 222 8.64 16.86 16.38
C ASP A 222 8.57 15.91 17.57
N ILE A 223 9.53 15.98 18.47
CA ILE A 223 9.57 15.01 19.60
C ILE A 223 8.66 15.49 20.75
N SER A 224 8.04 16.66 20.62
CA SER A 224 7.20 17.29 21.69
C SER A 224 5.75 16.78 21.64
N LEU A 225 5.34 16.15 20.53
CA LEU A 225 3.94 15.65 20.36
C LEU A 225 3.57 14.66 21.46
N THR A 226 2.30 14.68 21.85
CA THR A 226 1.76 13.77 22.89
C THR A 226 0.57 13.01 22.32
N ASP A 227 0.43 11.78 22.79
CA ASP A 227 -0.69 10.89 22.44
C ASP A 227 -1.86 11.19 23.39
N ARG A 228 -2.89 10.37 23.33
CA ARG A 228 -4.15 10.73 24.03
C ARG A 228 -3.99 10.54 25.54
N ASP A 229 -2.98 9.79 26.00
CA ASP A 229 -2.61 9.68 27.44
C ASP A 229 -1.64 10.78 27.89
N GLY A 230 -1.31 11.74 27.04
CA GLY A 230 -0.36 12.85 27.30
C GLY A 230 1.11 12.44 27.28
N SER A 231 1.43 11.27 26.71
CA SER A 231 2.80 10.73 26.62
C SER A 231 3.55 11.28 25.40
N THR A 232 4.79 11.69 25.60
CA THR A 232 5.75 12.04 24.51
C THR A 232 6.48 10.76 24.10
N ALA A 233 7.22 10.78 22.98
CA ALA A 233 8.11 9.68 22.56
C ALA A 233 9.07 9.34 23.72
N LEU A 234 9.64 10.35 24.39
CA LEU A 234 10.63 10.08 25.47
C LEU A 234 9.94 9.29 26.59
N MET A 235 8.73 9.68 26.96
CA MET A 235 8.02 8.96 28.05
C MET A 235 7.78 7.51 27.64
N VAL A 236 7.42 7.30 26.38
CA VAL A 236 7.13 5.94 25.86
C VAL A 236 8.43 5.13 25.87
N ALA A 237 9.53 5.72 25.41
CA ALA A 237 10.85 5.05 25.41
C ALA A 237 11.24 4.62 26.85
N LEU A 238 11.13 5.53 27.81
CA LEU A 238 11.50 5.20 29.20
C LEU A 238 10.60 4.11 29.75
N ASP A 239 9.30 4.21 29.50
CA ASP A 239 8.34 3.20 30.01
C ASP A 239 8.63 1.83 29.42
N ALA A 240 9.12 1.78 28.18
CA ALA A 240 9.41 0.52 27.48
C ALA A 240 10.81 0.03 27.83
N GLY A 241 11.56 0.77 28.66
CA GLY A 241 12.94 0.40 29.02
C GLY A 241 13.89 0.48 27.84
N GLN A 242 13.71 1.49 26.98
CA GLN A 242 14.52 1.73 25.75
C GLN A 242 15.54 2.84 26.05
N SER A 243 16.54 2.52 26.87
CA SER A 243 17.62 3.46 27.28
C SER A 243 18.33 4.06 26.07
N GLU A 244 18.65 3.22 25.10
CA GLU A 244 19.37 3.62 23.87
C GLU A 244 18.55 4.63 23.07
N ILE A 245 17.27 4.35 22.87
CA ILE A 245 16.40 5.31 22.15
C ILE A 245 16.28 6.60 22.97
N ALA A 246 16.18 6.52 24.30
CA ALA A 246 16.18 7.74 25.13
C ALA A 246 17.46 8.57 24.86
N SER A 247 18.63 7.93 24.82
CA SER A 247 19.93 8.61 24.52
C SER A 247 19.91 9.23 23.13
N MET A 248 19.33 8.54 22.13
CA MET A 248 19.19 9.13 20.78
C MET A 248 18.31 10.38 20.85
N LEU A 249 17.24 10.37 21.64
CA LEU A 249 16.37 11.57 21.80
C LEU A 249 17.20 12.69 22.45
N TYR A 250 17.99 12.38 23.47
CA TYR A 250 18.80 13.42 24.18
C TYR A 250 19.87 14.01 23.23
N SER A 251 20.49 13.18 22.39
CA SER A 251 21.44 13.60 21.33
C SER A 251 20.76 14.53 20.34
N ARG A 252 19.55 14.17 19.90
CA ARG A 252 18.72 15.01 19.01
C ARG A 252 18.49 16.37 19.69
N MET A 253 18.30 16.39 21.00
CA MET A 253 18.00 17.62 21.78
C MET A 253 19.29 18.37 22.14
N ASN A 254 20.45 17.86 21.74
CA ASN A 254 21.77 18.50 22.00
C ASN A 254 22.02 18.55 23.50
N ILE A 255 21.77 17.40 24.15
CA ILE A 255 22.18 17.05 25.54
C ILE A 255 23.21 15.91 25.44
C1 GOL B . -19.58 -12.79 -20.81
O1 GOL B . -19.58 -12.45 -19.43
C2 GOL B . -19.49 -14.30 -20.97
O2 GOL B . -19.67 -14.68 -22.33
C3 GOL B . -18.19 -14.86 -20.43
O3 GOL B . -18.42 -16.05 -19.67
C1 GOL C . -25.75 -9.78 -27.31
O1 GOL C . -24.68 -8.99 -27.82
C2 GOL C . -25.63 -9.98 -25.82
O2 GOL C . -25.39 -8.72 -25.17
C3 GOL C . -26.83 -10.70 -25.23
O3 GOL C . -27.65 -9.85 -24.46
C ACT D . -13.68 -4.08 -29.58
O ACT D . -13.37 -4.63 -30.66
OXT ACT D . -14.85 -3.76 -29.26
CH3 ACT D . -12.57 -3.78 -28.57
C1 GOL E . 9.50 18.03 24.41
O1 GOL E . 9.86 18.71 23.21
C2 GOL E . 10.45 16.89 24.71
O2 GOL E . 11.24 17.20 25.85
C3 GOL E . 9.74 15.58 24.97
O3 GOL E . 10.54 14.70 25.75
C ACT F . 12.99 8.98 -4.34
O ACT F . 14.13 8.69 -3.93
OXT ACT F . 12.61 10.13 -4.67
CH3 ACT F . 11.96 7.90 -4.43
C ACT G . -4.88 -8.21 2.04
O ACT G . -4.83 -9.45 1.87
OXT ACT G . -5.11 -7.39 1.13
CH3 ACT G . -4.65 -7.66 3.44
C ACT H . 16.55 7.14 4.35
O ACT H . 17.43 8.00 4.18
OXT ACT H . 16.00 6.52 3.43
CH3 ACT H . 16.11 6.84 5.78
C ACT I . -6.87 12.05 19.36
O ACT I . -5.76 12.61 19.35
OXT ACT I . -7.14 11.11 20.14
CH3 ACT I . -7.94 12.52 18.37
#